data_4YZK
#
_entry.id   4YZK
#
_cell.length_a   41.990
_cell.length_b   74.060
_cell.length_c   111.030
_cell.angle_alpha   90.00
_cell.angle_beta   90.00
_cell.angle_gamma   90.00
#
_symmetry.space_group_name_H-M   'P 21 21 21'
#
loop_
_entity.id
_entity.type
_entity.pdbx_description
1 polymer 'Tryptophan dimethylallyltransferase'
2 water water
#
_entity_poly.entity_id   1
_entity_poly.type   'polypeptide(L)'
_entity_poly.pdbx_seq_one_letter_code
;MESAGPGTGPQPPRTSGDFTPDTGVIAEMTGRPMRFDSDRYRPTDTYAEVACDKVCRAYEGLGADGGDRESLLAFLRDLT
DPWGELPVGTPPEDACWVSIDGMPLETSVAWAGRKAGVRLSLESPRGPAKRRMEDGMALTRRLAGRPGVSVDPCLRVEDL
FTDDDPQGYFTIAHAVAWTPGGHPRYKIFLNPAVRGREQAAARTEEAMIRLGLEQPWRALTEHLGGAYGPEHEPAALAMD
LVPGDDFRVQVYLAHSGVSAEAIDAKSAVAADHVPGSFARALRGINGADDTPEWKRKPPVTAFSFGPGRAVPGATLYVPM
IPVHGSDAAARDRVAAFLRSEGMDAVGYEAVLDAISDRSLPESHTQNFISYRGGDSPRFSVYLAPGVYREALEHHHHHH
;
_entity_poly.pdbx_strand_id   A
#
# COMPACT_ATOMS: atom_id res chain seq x y z
N MET A 34 -19.40 -9.80 -5.89
CA MET A 34 -18.57 -10.38 -4.83
C MET A 34 -19.38 -11.25 -3.89
N ARG A 35 -18.80 -12.37 -3.47
CA ARG A 35 -19.48 -13.28 -2.55
C ARG A 35 -18.77 -13.37 -1.19
N PHE A 36 -19.53 -13.18 -0.12
CA PHE A 36 -19.02 -13.47 1.22
C PHE A 36 -18.69 -14.96 1.32
N ASP A 37 -17.48 -15.24 1.81
CA ASP A 37 -17.00 -16.62 1.91
C ASP A 37 -15.88 -16.68 2.93
N SER A 38 -16.19 -17.13 4.14
CA SER A 38 -15.22 -17.15 5.21
C SER A 38 -15.46 -18.31 6.17
N ASP A 39 -14.39 -19.05 6.47
CA ASP A 39 -14.46 -20.13 7.43
C ASP A 39 -14.39 -19.58 8.86
N ARG A 40 -13.93 -18.35 9.02
CA ARG A 40 -13.71 -17.80 10.35
C ARG A 40 -14.76 -16.78 10.84
N TYR A 41 -15.32 -15.98 9.93
CA TYR A 41 -16.24 -14.92 10.37
C TYR A 41 -17.70 -15.20 10.06
N ARG A 42 -18.58 -14.69 10.93
CA ARG A 42 -20.01 -14.69 10.68
C ARG A 42 -20.38 -13.52 9.79
N PRO A 43 -21.41 -13.67 8.96
CA PRO A 43 -21.84 -12.55 8.11
C PRO A 43 -22.26 -11.31 8.94
N THR A 44 -22.62 -11.51 10.21
CA THR A 44 -23.05 -10.42 11.07
C THR A 44 -21.90 -9.68 11.76
N ASP A 45 -20.69 -10.22 11.66
CA ASP A 45 -19.51 -9.53 12.19
C ASP A 45 -19.29 -8.22 11.42
N THR A 46 -18.88 -7.18 12.13
CA THR A 46 -18.73 -5.87 11.49
C THR A 46 -17.32 -5.72 10.91
N TYR A 47 -17.16 -4.73 10.04
CA TYR A 47 -15.86 -4.46 9.43
C TYR A 47 -14.84 -4.13 10.52
N ALA A 48 -15.30 -3.40 11.53
CA ALA A 48 -14.42 -3.02 12.63
C ALA A 48 -14.00 -4.25 13.42
N GLU A 49 -14.93 -5.16 13.65
CA GLU A 49 -14.58 -6.38 14.37
C GLU A 49 -13.62 -7.27 13.58
N VAL A 50 -13.79 -7.34 12.27
CA VAL A 50 -12.84 -8.08 11.42
C VAL A 50 -11.47 -7.42 11.46
N ALA A 51 -11.42 -6.09 11.39
CA ALA A 51 -10.16 -5.36 11.41
C ALA A 51 -9.40 -5.61 12.72
N CYS A 52 -10.14 -5.65 13.82
CA CYS A 52 -9.56 -5.92 15.13
C CYS A 52 -8.95 -7.31 15.19
N ASP A 53 -9.70 -8.29 14.70
CA ASP A 53 -9.25 -9.68 14.71
C ASP A 53 -7.97 -9.87 13.87
N LYS A 54 -7.97 -9.31 12.67
CA LYS A 54 -6.81 -9.41 11.78
C LYS A 54 -5.58 -8.76 12.37
N VAL A 55 -5.76 -7.58 12.94
CA VAL A 55 -4.66 -6.84 13.55
C VAL A 55 -4.09 -7.60 14.75
N CYS A 56 -4.97 -8.16 15.58
CA CYS A 56 -4.52 -8.97 16.72
C CYS A 56 -3.76 -10.21 16.27
N ARG A 57 -4.28 -10.87 15.25
CA ARG A 57 -3.64 -12.09 14.80
C ARG A 57 -2.29 -11.79 14.14
N ALA A 58 -2.19 -10.61 13.53
CA ALA A 58 -0.92 -10.19 12.97
C ALA A 58 0.11 -10.05 14.10
N TYR A 59 -0.29 -9.43 15.20
CA TYR A 59 0.58 -9.34 16.37
C TYR A 59 0.89 -10.73 16.94
N GLU A 60 -0.09 -11.62 16.96
CA GLU A 60 0.17 -12.99 17.39
C GLU A 60 1.29 -13.61 16.56
N GLY A 61 1.22 -13.42 15.25
CA GLY A 61 2.22 -13.98 14.35
C GLY A 61 3.61 -13.45 14.67
N LEU A 62 3.66 -12.21 15.15
CA LEU A 62 4.91 -11.59 15.58
C LEU A 62 5.26 -11.98 17.01
N GLY A 63 4.40 -12.77 17.65
CA GLY A 63 4.67 -13.25 18.99
C GLY A 63 4.48 -12.18 20.04
N ARG A 69 -7.37 -5.43 23.87
CA ARG A 69 -8.19 -5.90 22.75
C ARG A 69 -9.52 -5.16 22.66
N GLU A 70 -10.18 -4.98 23.80
CA GLU A 70 -11.39 -4.18 23.81
C GLU A 70 -11.05 -2.74 23.46
N SER A 71 -9.91 -2.26 23.95
CA SER A 71 -9.45 -0.91 23.63
C SER A 71 -9.18 -0.74 22.13
N LEU A 72 -8.55 -1.75 21.54
CA LEU A 72 -8.23 -1.72 20.11
C LEU A 72 -9.51 -1.65 19.29
N LEU A 73 -10.46 -2.53 19.60
CA LEU A 73 -11.75 -2.55 18.92
C LEU A 73 -12.46 -1.19 18.98
N ALA A 74 -12.43 -0.56 20.15
CA ALA A 74 -13.06 0.75 20.29
C ALA A 74 -12.36 1.77 19.40
N PHE A 75 -11.03 1.72 19.39
CA PHE A 75 -10.21 2.59 18.55
C PHE A 75 -10.56 2.43 17.08
N LEU A 76 -10.77 1.18 16.66
CA LEU A 76 -10.96 0.89 15.24
C LEU A 76 -12.39 1.20 14.81
N ARG A 77 -13.34 0.96 15.72
CA ARG A 77 -14.75 1.34 15.46
C ARG A 77 -14.81 2.85 15.29
N ASP A 78 -14.07 3.54 16.13
CA ASP A 78 -13.98 4.98 16.02
C ASP A 78 -13.37 5.39 14.68
N LEU A 79 -12.25 4.75 14.35
CA LEU A 79 -11.49 5.11 13.16
C LEU A 79 -12.30 4.86 11.91
N THR A 80 -13.11 3.82 11.93
CA THR A 80 -13.89 3.45 10.76
C THR A 80 -15.31 4.04 10.74
N ASP A 81 -15.58 5.01 11.63
CA ASP A 81 -16.91 5.63 11.69
C ASP A 81 -17.31 6.23 10.34
N PRO A 82 -18.56 5.99 9.91
CA PRO A 82 -19.62 5.20 10.54
C PRO A 82 -19.72 3.78 9.98
N TRP A 83 -19.08 3.57 8.83
CA TRP A 83 -19.20 2.31 8.09
C TRP A 83 -18.56 1.12 8.81
N GLY A 84 -17.83 1.38 9.88
CA GLY A 84 -17.20 0.30 10.63
C GLY A 84 -18.21 -0.64 11.24
N GLU A 85 -19.44 -0.16 11.43
CA GLU A 85 -20.49 -0.94 12.06
C GLU A 85 -21.22 -1.85 11.08
N LEU A 86 -20.95 -1.68 9.78
CA LEU A 86 -21.65 -2.44 8.75
C LEU A 86 -21.31 -3.93 8.82
N PRO A 87 -22.26 -4.80 8.41
CA PRO A 87 -22.00 -6.24 8.42
C PRO A 87 -21.11 -6.68 7.25
N VAL A 88 -20.09 -7.47 7.56
CA VAL A 88 -19.15 -7.93 6.54
C VAL A 88 -19.81 -8.89 5.55
N GLY A 89 -20.94 -9.47 5.96
CA GLY A 89 -21.63 -10.46 5.13
C GLY A 89 -22.22 -9.89 3.86
N THR A 90 -22.40 -8.58 3.81
CA THR A 90 -22.90 -7.94 2.61
C THR A 90 -21.81 -7.14 1.94
N PRO A 91 -21.30 -7.64 0.82
CA PRO A 91 -20.22 -6.97 0.11
C PRO A 91 -20.66 -5.61 -0.38
N PRO A 92 -19.77 -4.62 -0.35
CA PRO A 92 -20.08 -3.32 -0.97
C PRO A 92 -20.43 -3.48 -2.44
N GLU A 93 -21.27 -2.58 -2.95
CA GLU A 93 -21.71 -2.62 -4.33
C GLU A 93 -20.54 -2.36 -5.27
N ASP A 94 -19.58 -1.57 -4.81
CA ASP A 94 -18.33 -1.31 -5.55
C ASP A 94 -17.13 -1.74 -4.71
N ALA A 95 -16.30 -2.63 -5.25
CA ALA A 95 -15.13 -3.14 -4.52
C ALA A 95 -14.18 -2.00 -4.15
N CYS A 96 -13.64 -2.07 -2.94
CA CYS A 96 -12.65 -1.10 -2.50
C CYS A 96 -11.30 -1.35 -3.16
N TRP A 97 -10.63 -0.29 -3.58
CA TRP A 97 -9.28 -0.34 -4.12
C TRP A 97 -8.27 -0.84 -3.07
N VAL A 98 -8.58 -0.67 -1.79
CA VAL A 98 -7.57 -0.87 -0.77
C VAL A 98 -7.15 -2.34 -0.56
N SER A 99 -8.06 -3.28 -0.86
CA SER A 99 -7.75 -4.71 -0.71
C SER A 99 -8.04 -5.46 -2.00
N ILE A 100 -7.24 -6.48 -2.33
CA ILE A 100 -7.50 -7.21 -3.56
C ILE A 100 -8.80 -8.04 -3.51
N ASP A 101 -9.34 -8.31 -2.33
CA ASP A 101 -10.65 -9.00 -2.28
C ASP A 101 -11.79 -7.99 -2.19
N GLY A 102 -11.46 -6.70 -2.24
CA GLY A 102 -12.46 -5.65 -2.30
C GLY A 102 -13.01 -5.23 -0.96
N MET A 103 -12.48 -5.81 0.11
CA MET A 103 -12.77 -5.39 1.47
C MET A 103 -12.28 -3.96 1.71
N PRO A 104 -12.90 -3.25 2.67
CA PRO A 104 -12.45 -1.91 3.03
C PRO A 104 -11.23 -1.90 3.95
N LEU A 105 -10.56 -3.05 4.08
CA LEU A 105 -9.44 -3.22 5.01
C LEU A 105 -8.33 -4.01 4.37
N GLU A 106 -7.08 -3.62 4.64
CA GLU A 106 -5.93 -4.45 4.29
C GLU A 106 -4.91 -4.43 5.44
N THR A 107 -4.54 -5.60 5.94
CA THR A 107 -3.56 -5.69 7.02
C THR A 107 -2.14 -5.79 6.46
N SER A 108 -1.21 -5.07 7.08
CA SER A 108 0.18 -5.03 6.64
C SER A 108 1.13 -5.29 7.80
N VAL A 109 2.18 -6.07 7.58
CA VAL A 109 3.28 -6.19 8.54
C VAL A 109 4.58 -5.76 7.86
N ALA A 110 5.34 -4.90 8.55
CA ALA A 110 6.53 -4.29 7.99
C ALA A 110 7.73 -4.57 8.87
N TRP A 111 8.76 -5.12 8.25
CA TRP A 111 10.03 -5.38 8.92
C TRP A 111 11.06 -4.32 8.51
N ALA A 112 11.72 -3.72 9.49
CA ALA A 112 12.74 -2.71 9.22
C ALA A 112 13.56 -2.45 10.47
N GLY A 113 14.86 -2.20 10.29
CA GLY A 113 15.75 -1.89 11.40
C GLY A 113 15.64 -2.84 12.56
N ARG A 114 15.59 -4.14 12.27
CA ARG A 114 15.54 -5.20 13.27
C ARG A 114 14.25 -5.18 14.09
N LYS A 115 13.23 -4.48 13.62
CA LYS A 115 11.93 -4.51 14.29
C LYS A 115 10.79 -4.81 13.29
N ALA A 116 9.64 -5.16 13.83
CA ALA A 116 8.47 -5.43 13.01
C ALA A 116 7.29 -4.69 13.59
N GLY A 117 6.47 -4.12 12.71
CA GLY A 117 5.31 -3.36 13.12
C GLY A 117 4.10 -3.74 12.30
N VAL A 118 2.92 -3.58 12.91
CA VAL A 118 1.67 -3.91 12.23
C VAL A 118 0.99 -2.63 11.77
N ARG A 119 0.39 -2.66 10.58
CA ARG A 119 -0.34 -1.51 10.07
C ARG A 119 -1.65 -1.98 9.47
N LEU A 120 -2.62 -1.07 9.41
CA LEU A 120 -3.90 -1.40 8.83
C LEU A 120 -4.29 -0.30 7.85
N SER A 121 -4.58 -0.67 6.60
CA SER A 121 -5.09 0.31 5.67
C SER A 121 -6.61 0.18 5.63
N LEU A 122 -7.28 1.30 5.40
CA LEU A 122 -8.75 1.30 5.37
C LEU A 122 -9.30 2.33 4.39
N GLU A 123 -10.46 2.00 3.82
CA GLU A 123 -11.12 2.82 2.83
C GLU A 123 -12.61 2.58 2.94
N SER A 124 -13.42 3.63 2.99
CA SER A 124 -14.87 3.44 3.08
C SER A 124 -15.39 2.51 1.97
N PRO A 125 -16.32 1.61 2.33
CA PRO A 125 -16.93 0.72 1.36
C PRO A 125 -18.24 1.29 0.80
N ARG A 126 -18.61 2.49 1.25
CA ARG A 126 -19.85 3.12 0.80
C ARG A 126 -19.75 3.61 -0.64
N GLY A 127 -20.91 3.93 -1.21
CA GLY A 127 -20.99 4.42 -2.58
C GLY A 127 -21.99 5.56 -2.66
N PRO A 128 -22.02 6.28 -3.79
CA PRO A 128 -21.14 6.11 -4.95
C PRO A 128 -19.74 6.69 -4.69
N ALA A 129 -18.92 6.82 -5.74
CA ALA A 129 -17.53 7.25 -5.55
C ALA A 129 -17.43 8.58 -4.80
N LYS A 130 -18.40 9.47 -5.03
CA LYS A 130 -18.37 10.79 -4.41
C LYS A 130 -18.54 10.66 -2.91
N ARG A 131 -19.45 9.77 -2.49
CA ARG A 131 -19.64 9.51 -1.07
C ARG A 131 -18.41 8.86 -0.45
N ARG A 132 -17.83 7.88 -1.15
CA ARG A 132 -16.60 7.22 -0.70
C ARG A 132 -15.49 8.24 -0.48
N MET A 133 -15.36 9.16 -1.44
CA MET A 133 -14.40 10.25 -1.37
C MET A 133 -14.64 11.13 -0.14
N GLU A 134 -15.88 11.55 0.05
CA GLU A 134 -16.17 12.45 1.14
C GLU A 134 -16.01 11.76 2.49
N ASP A 135 -16.28 10.47 2.58
CA ASP A 135 -15.95 9.71 3.80
C ASP A 135 -14.46 9.85 4.18
N GLY A 136 -13.59 9.68 3.20
CA GLY A 136 -12.18 9.84 3.42
C GLY A 136 -11.79 11.24 3.82
N MET A 137 -12.39 12.24 3.16
CA MET A 137 -12.12 13.62 3.52
C MET A 137 -12.48 13.87 4.98
N ALA A 138 -13.59 13.30 5.42
CA ALA A 138 -14.02 13.43 6.82
C ALA A 138 -12.99 12.82 7.76
N LEU A 139 -12.47 11.65 7.42
CA LEU A 139 -11.52 10.97 8.31
C LEU A 139 -10.21 11.76 8.43
N THR A 140 -9.75 12.34 7.33
CA THR A 140 -8.57 13.19 7.37
C THR A 140 -8.74 14.30 8.40
N ARG A 141 -9.91 14.92 8.41
CA ARG A 141 -10.17 16.02 9.32
C ARG A 141 -10.31 15.54 10.77
N ARG A 142 -10.82 14.32 10.96
CA ARG A 142 -10.91 13.75 12.30
C ARG A 142 -9.56 13.25 12.83
N LEU A 143 -8.59 13.06 11.94
CA LEU A 143 -7.21 12.74 12.35
C LEU A 143 -6.44 14.00 12.79
N ALA A 144 -6.85 15.15 12.26
CA ALA A 144 -6.10 16.41 12.39
C ALA A 144 -5.66 16.74 13.80
N GLY A 145 -6.58 16.60 14.75
CA GLY A 145 -6.30 16.94 16.13
C GLY A 145 -5.47 15.93 16.92
N ARG A 146 -5.29 14.73 16.37
CA ARG A 146 -4.69 13.62 17.13
C ARG A 146 -3.20 13.83 17.41
N PRO A 147 -2.71 13.19 18.48
CA PRO A 147 -1.32 13.38 18.90
C PRO A 147 -0.28 13.08 17.82
N GLY A 148 0.54 14.08 17.53
CA GLY A 148 1.63 13.92 16.58
C GLY A 148 1.20 14.04 15.14
N VAL A 149 -0.08 14.29 14.92
CA VAL A 149 -0.61 14.35 13.58
C VAL A 149 -0.52 15.74 13.00
N SER A 150 -0.17 15.82 11.72
CA SER A 150 -0.28 17.05 10.95
C SER A 150 -0.93 16.74 9.62
N VAL A 151 -2.09 17.35 9.36
CA VAL A 151 -2.77 17.16 8.08
C VAL A 151 -2.60 18.34 7.13
N ASP A 152 -1.93 19.40 7.58
CA ASP A 152 -1.74 20.58 6.71
C ASP A 152 -1.22 20.26 5.31
N PRO A 153 -0.12 19.48 5.19
CA PRO A 153 0.36 19.25 3.83
C PRO A 153 -0.68 18.52 2.99
N CYS A 154 -1.39 17.58 3.60
CA CYS A 154 -2.50 16.91 2.91
C CYS A 154 -3.51 17.95 2.43
N LEU A 155 -3.90 18.86 3.30
CA LEU A 155 -4.96 19.82 2.97
C LEU A 155 -4.51 20.79 1.88
N ARG A 156 -3.21 21.01 1.77
CA ARG A 156 -2.66 21.91 0.75
C ARG A 156 -2.75 21.34 -0.66
N VAL A 157 -2.81 20.03 -0.78
CA VAL A 157 -2.84 19.42 -2.10
C VAL A 157 -4.13 18.62 -2.35
N GLU A 158 -5.00 18.55 -1.35
CA GLU A 158 -6.21 17.73 -1.41
C GLU A 158 -7.05 18.00 -2.66
N ASP A 159 -7.14 19.26 -3.07
CA ASP A 159 -7.97 19.65 -4.22
C ASP A 159 -7.52 19.00 -5.51
N LEU A 160 -6.25 18.60 -5.55
CA LEU A 160 -5.68 17.98 -6.74
C LEU A 160 -6.13 16.53 -6.87
N PHE A 161 -6.58 15.94 -5.77
CA PHE A 161 -6.93 14.51 -5.76
C PHE A 161 -8.38 14.26 -5.37
N THR A 162 -9.16 15.34 -5.32
CA THR A 162 -10.60 15.23 -5.07
C THR A 162 -11.32 15.98 -6.18
N ASP A 163 -12.59 15.64 -6.37
CA ASP A 163 -13.41 16.23 -7.42
C ASP A 163 -14.87 15.86 -7.20
N ASP A 164 -15.78 16.70 -7.71
CA ASP A 164 -17.20 16.40 -7.59
C ASP A 164 -17.57 15.17 -8.40
N ASP A 165 -16.79 14.90 -9.43
CA ASP A 165 -17.04 13.76 -10.30
C ASP A 165 -15.79 12.88 -10.43
N PRO A 166 -15.45 12.15 -9.36
CA PRO A 166 -14.19 11.40 -9.36
C PRO A 166 -14.23 10.17 -10.26
N GLN A 167 -13.15 9.95 -10.98
CA GLN A 167 -12.99 8.77 -11.81
C GLN A 167 -11.92 7.87 -11.20
N GLY A 168 -11.56 6.79 -11.91
CA GLY A 168 -10.57 5.88 -11.40
C GLY A 168 -11.15 4.93 -10.36
N TYR A 169 -10.30 4.10 -9.76
CA TYR A 169 -10.75 3.08 -8.83
C TYR A 169 -10.83 3.56 -7.39
N PHE A 170 -10.25 4.72 -7.10
CA PHE A 170 -10.28 5.22 -5.73
C PHE A 170 -9.99 6.70 -5.69
N THR A 171 -10.20 7.32 -4.54
CA THR A 171 -9.80 8.71 -4.37
C THR A 171 -8.99 8.83 -3.11
N ILE A 172 -9.55 8.36 -2.00
CA ILE A 172 -8.93 8.54 -0.70
C ILE A 172 -8.96 7.27 0.13
N ALA A 173 -7.81 6.93 0.70
CA ALA A 173 -7.71 5.84 1.64
C ALA A 173 -6.69 6.24 2.69
N HIS A 174 -6.60 5.50 3.79
CA HIS A 174 -5.66 5.83 4.86
C HIS A 174 -5.03 4.56 5.42
N ALA A 175 -3.98 4.74 6.21
CA ALA A 175 -3.45 3.63 6.99
C ALA A 175 -3.11 4.14 8.37
N VAL A 176 -3.21 3.26 9.37
CA VAL A 176 -2.69 3.56 10.69
C VAL A 176 -1.59 2.57 11.05
N ALA A 177 -0.57 3.05 11.76
CA ALA A 177 0.55 2.21 12.16
C ALA A 177 0.85 2.40 13.65
N TRP A 178 1.02 1.30 14.38
CA TRP A 178 1.34 1.37 15.80
C TRP A 178 2.81 1.09 16.07
N THR A 179 3.34 1.70 17.13
CA THR A 179 4.72 1.47 17.56
C THR A 179 4.77 0.79 18.92
N PRO A 184 0.34 6.10 17.72
CA PRO A 184 -0.24 5.76 16.41
C PRO A 184 0.08 6.82 15.38
N ARG A 185 0.53 6.38 14.21
CA ARG A 185 0.91 7.28 13.15
C ARG A 185 0.05 7.00 11.92
N TYR A 186 -0.37 8.06 11.23
CA TYR A 186 -1.33 7.91 10.13
C TYR A 186 -0.75 8.31 8.79
N LYS A 187 -1.25 7.67 7.75
CA LYS A 187 -0.88 7.95 6.38
C LYS A 187 -2.15 8.14 5.56
N ILE A 188 -2.07 8.91 4.48
CA ILE A 188 -3.18 8.97 3.53
C ILE A 188 -2.74 8.55 2.12
N PHE A 189 -3.62 7.87 1.39
CA PHE A 189 -3.37 7.51 -0.01
C PHE A 189 -4.31 8.30 -0.93
N LEU A 190 -3.75 8.79 -2.03
CA LEU A 190 -4.48 9.67 -2.95
C LEU A 190 -4.28 9.21 -4.40
N ASN A 191 -5.32 9.38 -5.22
CA ASN A 191 -5.27 8.95 -6.61
C ASN A 191 -4.98 10.09 -7.59
N PRO A 192 -3.78 10.09 -8.19
CA PRO A 192 -3.46 11.13 -9.18
C PRO A 192 -4.30 11.01 -10.46
N ALA A 193 -4.93 9.86 -10.65
CA ALA A 193 -5.75 9.63 -11.83
C ALA A 193 -7.22 9.85 -11.54
N VAL A 194 -7.52 10.65 -10.53
CA VAL A 194 -8.90 10.97 -10.15
C VAL A 194 -9.72 11.57 -11.31
N ARG A 195 -9.04 12.25 -12.24
CA ARG A 195 -9.69 12.76 -13.44
C ARG A 195 -9.01 12.25 -14.70
N GLY A 196 -8.59 10.99 -14.68
CA GLY A 196 -7.97 10.37 -15.84
C GLY A 196 -6.47 10.16 -15.71
N ARG A 197 -5.98 9.09 -16.33
CA ARG A 197 -4.55 8.78 -16.34
C ARG A 197 -3.77 9.91 -17.00
N GLU A 198 -4.38 10.51 -18.03
CA GLU A 198 -3.77 11.60 -18.78
C GLU A 198 -3.26 12.74 -17.91
N GLN A 199 -3.95 13.04 -16.80
CA GLN A 199 -3.57 14.15 -15.93
C GLN A 199 -2.74 13.74 -14.72
N ALA A 200 -2.44 12.45 -14.61
CA ALA A 200 -1.81 11.90 -13.40
C ALA A 200 -0.47 12.55 -13.09
N ALA A 201 0.41 12.63 -14.08
CA ALA A 201 1.74 13.20 -13.87
C ALA A 201 1.66 14.68 -13.50
N ALA A 202 0.78 15.41 -14.18
CA ALA A 202 0.63 16.85 -13.93
C ALA A 202 0.14 17.14 -12.52
N ARG A 203 -0.86 16.40 -12.06
CA ARG A 203 -1.38 16.61 -10.71
C ARG A 203 -0.35 16.22 -9.67
N THR A 204 0.36 15.12 -9.91
CA THR A 204 1.45 14.67 -9.03
C THR A 204 2.53 15.75 -8.96
N GLU A 205 2.96 16.26 -10.11
CA GLU A 205 3.98 17.30 -10.12
C GLU A 205 3.52 18.55 -9.37
N GLU A 206 2.28 18.99 -9.63
CA GLU A 206 1.77 20.18 -8.96
C GLU A 206 1.76 19.98 -7.44
N ALA A 207 1.41 18.78 -6.99
CA ALA A 207 1.44 18.50 -5.55
C ALA A 207 2.85 18.54 -4.98
N MET A 208 3.80 17.90 -5.67
CA MET A 208 5.18 17.87 -5.19
C MET A 208 5.73 19.30 -5.05
N ILE A 209 5.41 20.16 -6.01
CA ILE A 209 5.88 21.54 -5.95
C ILE A 209 5.27 22.30 -4.76
N ARG A 210 3.95 22.18 -4.56
CA ARG A 210 3.30 22.82 -3.42
C ARG A 210 3.93 22.39 -2.11
N LEU A 211 4.33 21.12 -2.04
CA LEU A 211 4.84 20.58 -0.79
C LEU A 211 6.32 20.92 -0.60
N GLY A 212 6.88 21.70 -1.52
CA GLY A 212 8.26 22.11 -1.43
C GLY A 212 9.23 21.00 -1.79
N LEU A 213 8.80 20.09 -2.65
CA LEU A 213 9.63 18.93 -3.00
C LEU A 213 9.96 18.88 -4.48
N GLU A 214 9.95 20.04 -5.12
CA GLU A 214 10.27 20.16 -6.53
C GLU A 214 11.68 19.67 -6.90
N GLN A 215 12.66 19.89 -6.02
CA GLN A 215 14.03 19.49 -6.36
C GLN A 215 14.15 17.97 -6.53
N PRO A 216 13.75 17.17 -5.51
CA PRO A 216 13.95 15.74 -5.77
C PRO A 216 12.97 15.18 -6.79
N TRP A 217 11.81 15.85 -6.96
CA TRP A 217 10.85 15.47 -7.98
C TRP A 217 11.43 15.71 -9.38
N ARG A 218 12.12 16.83 -9.57
CA ARG A 218 12.82 17.11 -10.81
C ARG A 218 13.93 16.07 -11.09
N ALA A 219 14.67 15.72 -10.06
CA ALA A 219 15.75 14.74 -10.21
C ALA A 219 15.18 13.41 -10.67
N LEU A 220 14.05 13.01 -10.07
CA LEU A 220 13.41 11.78 -10.50
C LEU A 220 12.94 11.91 -11.94
N THR A 221 12.20 12.98 -12.21
CA THR A 221 11.62 13.17 -13.55
C THR A 221 12.69 13.18 -14.64
N GLU A 222 13.80 13.87 -14.41
CA GLU A 222 14.92 13.87 -15.37
C GLU A 222 15.51 12.47 -15.55
N HIS A 223 15.72 11.77 -14.43
CA HIS A 223 16.28 10.43 -14.49
C HIS A 223 15.40 9.51 -15.32
N LEU A 224 14.09 9.74 -15.25
CA LEU A 224 13.10 8.93 -15.96
C LEU A 224 12.93 9.33 -17.42
N GLY A 225 13.66 10.35 -17.85
CA GLY A 225 13.63 10.75 -19.25
C GLY A 225 12.76 11.95 -19.52
N GLY A 226 12.22 12.55 -18.47
CA GLY A 226 11.47 13.78 -18.58
C GLY A 226 9.96 13.65 -18.72
N ALA A 227 9.47 12.45 -18.96
CA ALA A 227 8.02 12.21 -19.10
C ALA A 227 7.59 10.93 -18.38
N TYR A 228 6.28 10.79 -18.13
CA TYR A 228 5.74 9.67 -17.35
C TYR A 228 4.73 8.73 -18.03
N GLY A 229 5.17 7.92 -18.97
CA GLY A 229 4.26 7.00 -19.65
C GLY A 229 4.01 5.73 -18.85
N PRO A 230 3.35 4.74 -19.47
CA PRO A 230 2.99 3.44 -18.86
C PRO A 230 4.17 2.69 -18.23
N GLU A 231 5.38 3.02 -18.67
CA GLU A 231 6.63 2.46 -18.16
C GLU A 231 6.86 2.76 -16.68
N HIS A 232 6.36 3.91 -16.25
CA HIS A 232 6.56 4.38 -14.87
C HIS A 232 5.46 5.39 -14.56
N GLU A 233 4.24 4.86 -14.43
CA GLU A 233 3.04 5.68 -14.37
C GLU A 233 2.60 5.94 -12.95
N PRO A 234 2.34 7.21 -12.61
CA PRO A 234 1.87 7.57 -11.27
C PRO A 234 0.51 6.92 -10.96
N ALA A 235 0.47 5.95 -10.05
CA ALA A 235 -0.74 5.19 -9.78
C ALA A 235 -1.34 5.54 -8.43
N ALA A 236 -0.51 6.07 -7.54
CA ALA A 236 -0.94 6.48 -6.22
C ALA A 236 0.11 7.42 -5.66
N LEU A 237 -0.36 8.27 -4.76
CA LEU A 237 0.53 9.10 -3.96
C LEU A 237 0.13 8.88 -2.51
N ALA A 238 1.12 8.82 -1.63
CA ALA A 238 0.82 8.71 -0.22
C ALA A 238 1.61 9.73 0.57
N MET A 239 1.18 9.94 1.81
CA MET A 239 1.70 11.01 2.62
C MET A 239 1.64 10.62 4.10
N ASP A 240 2.78 10.64 4.78
CA ASP A 240 2.79 10.45 6.23
C ASP A 240 2.28 11.74 6.86
N LEU A 241 1.20 11.66 7.65
CA LEU A 241 0.55 12.83 8.22
C LEU A 241 1.24 13.27 9.51
N VAL A 242 2.48 13.74 9.37
CA VAL A 242 3.28 14.15 10.51
C VAL A 242 3.97 15.46 10.17
N PRO A 243 4.34 16.26 11.18
CA PRO A 243 5.04 17.51 10.89
C PRO A 243 6.55 17.26 10.91
N GLY A 244 7.33 18.20 10.37
CA GLY A 244 8.77 18.16 10.54
C GLY A 244 9.56 17.49 9.43
N ASP A 245 10.79 17.10 9.75
CA ASP A 245 11.67 16.45 8.78
C ASP A 245 11.23 14.99 8.58
N ASP A 246 10.41 14.48 9.50
CA ASP A 246 9.87 13.12 9.36
C ASP A 246 8.70 13.09 8.39
N PHE A 247 8.33 14.24 7.86
CA PHE A 247 7.31 14.27 6.83
C PHE A 247 7.81 13.55 5.58
N ARG A 248 6.95 12.72 4.99
CA ARG A 248 7.34 12.17 3.71
C ARG A 248 6.18 11.93 2.78
N VAL A 249 6.52 11.92 1.50
CA VAL A 249 5.58 11.65 0.44
C VAL A 249 6.08 10.47 -0.37
N GLN A 250 5.20 9.52 -0.65
CA GLN A 250 5.52 8.45 -1.59
C GLN A 250 4.76 8.61 -2.91
N VAL A 251 5.48 8.43 -4.01
CA VAL A 251 4.85 8.38 -5.33
C VAL A 251 5.08 6.98 -5.88
N TYR A 252 3.99 6.25 -6.07
CA TYR A 252 4.07 4.88 -6.57
C TYR A 252 3.98 4.88 -8.09
N LEU A 253 5.00 4.34 -8.76
CA LEU A 253 5.02 4.26 -10.22
C LEU A 253 4.87 2.83 -10.70
N ALA A 254 3.82 2.58 -11.49
CA ALA A 254 3.59 1.25 -12.05
C ALA A 254 4.42 1.06 -13.32
N HIS A 255 5.00 -0.13 -13.48
CA HIS A 255 5.92 -0.40 -14.57
C HIS A 255 5.38 -1.40 -15.58
N SER A 256 4.62 -0.91 -16.56
CA SER A 256 3.98 -1.76 -17.55
C SER A 256 4.87 -1.95 -18.78
N GLY A 257 5.09 -3.21 -19.15
CA GLY A 257 5.79 -3.54 -20.39
C GLY A 257 7.28 -3.28 -20.36
N VAL A 258 7.90 -3.50 -19.21
CA VAL A 258 9.30 -3.18 -19.05
C VAL A 258 9.98 -4.29 -18.24
N SER A 259 11.25 -4.55 -18.53
CA SER A 259 11.93 -5.70 -17.97
C SER A 259 12.39 -5.45 -16.54
N ALA A 260 12.72 -6.53 -15.83
CA ALA A 260 13.25 -6.41 -14.48
C ALA A 260 14.47 -5.49 -14.45
N GLU A 261 15.34 -5.63 -15.46
CA GLU A 261 16.57 -4.85 -15.52
C GLU A 261 16.29 -3.36 -15.74
N ALA A 262 15.34 -3.04 -16.59
CA ALA A 262 15.03 -1.63 -16.83
C ALA A 262 14.31 -1.01 -15.63
N ILE A 263 13.51 -1.80 -14.92
CA ILE A 263 12.89 -1.32 -13.70
C ILE A 263 13.96 -0.97 -12.69
N ASP A 264 14.94 -1.86 -12.53
CA ASP A 264 16.03 -1.61 -11.61
C ASP A 264 16.77 -0.30 -11.96
N ALA A 265 17.00 -0.05 -13.23
CA ALA A 265 17.76 1.13 -13.67
C ALA A 265 17.01 2.41 -13.34
N LYS A 266 15.69 2.35 -13.27
CA LYS A 266 14.89 3.54 -13.00
C LYS A 266 15.10 4.04 -11.58
N SER A 267 15.64 3.22 -10.70
CA SER A 267 15.81 3.69 -9.34
C SER A 267 17.29 3.89 -8.98
N ALA A 268 18.16 3.94 -9.99
CA ALA A 268 19.57 4.27 -9.75
C ALA A 268 19.76 5.70 -9.26
N VAL A 269 18.72 6.53 -9.38
CA VAL A 269 18.75 7.92 -8.89
C VAL A 269 18.45 7.98 -7.39
N ALA A 270 18.01 6.87 -6.81
CA ALA A 270 17.56 6.87 -5.42
C ALA A 270 18.70 6.97 -4.41
N ALA A 271 18.36 7.46 -3.22
CA ALA A 271 19.33 7.66 -2.16
C ALA A 271 19.97 6.35 -1.71
N ASP A 272 19.19 5.28 -1.64
CA ASP A 272 19.75 4.00 -1.22
C ASP A 272 19.26 2.86 -2.12
N HIS A 273 19.82 2.77 -3.31
CA HIS A 273 19.51 1.62 -4.15
C HIS A 273 20.74 0.80 -4.60
N VAL A 274 20.90 -0.39 -4.03
CA VAL A 274 21.90 -1.32 -4.49
C VAL A 274 21.63 -1.72 -5.94
N PRO A 275 22.60 -1.44 -6.82
CA PRO A 275 22.49 -1.84 -8.23
C PRO A 275 22.13 -3.31 -8.36
N GLY A 276 21.15 -3.60 -9.20
CA GLY A 276 20.70 -4.97 -9.41
C GLY A 276 19.75 -5.56 -8.37
N SER A 277 19.56 -4.90 -7.23
CA SER A 277 18.80 -5.53 -6.15
C SER A 277 17.34 -5.73 -6.54
N PHE A 278 16.76 -4.76 -7.24
CA PHE A 278 15.36 -4.90 -7.66
C PHE A 278 15.23 -5.94 -8.77
N ALA A 279 16.19 -5.94 -9.71
CA ALA A 279 16.16 -6.92 -10.79
C ALA A 279 16.22 -8.35 -10.23
N ARG A 280 17.11 -8.59 -9.27
CA ARG A 280 17.20 -9.89 -8.63
C ARG A 280 15.92 -10.28 -7.89
N ALA A 281 15.28 -9.33 -7.20
CA ALA A 281 14.02 -9.63 -6.52
C ALA A 281 12.93 -10.02 -7.51
N LEU A 282 12.80 -9.23 -8.57
CA LEU A 282 11.75 -9.47 -9.55
C LEU A 282 11.96 -10.78 -10.29
N ARG A 283 13.19 -11.02 -10.75
CA ARG A 283 13.49 -12.25 -11.46
C ARG A 283 13.39 -13.45 -10.50
N GLY A 284 13.95 -13.31 -9.31
CA GLY A 284 13.98 -14.42 -8.39
C GLY A 284 12.62 -14.83 -7.85
N ILE A 285 11.81 -13.84 -7.49
CA ILE A 285 10.52 -14.18 -6.93
C ILE A 285 9.47 -14.41 -8.02
N ASN A 286 9.42 -13.55 -9.04
CA ASN A 286 8.26 -13.51 -9.94
C ASN A 286 8.53 -14.07 -11.34
N GLY A 287 9.78 -14.43 -11.61
CA GLY A 287 10.13 -15.12 -12.84
C GLY A 287 9.80 -14.37 -14.12
N ALA A 288 9.13 -15.07 -15.05
CA ALA A 288 8.92 -14.59 -16.42
C ALA A 288 8.02 -13.37 -16.53
N ASP A 289 8.45 -12.35 -17.26
CA ASP A 289 7.65 -11.14 -17.35
C ASP A 289 6.62 -11.15 -18.50
N ASP A 290 6.48 -12.29 -19.19
CA ASP A 290 5.49 -12.36 -20.26
C ASP A 290 4.19 -13.11 -19.90
N THR A 291 3.99 -13.49 -18.64
CA THR A 291 2.74 -14.16 -18.28
C THR A 291 1.59 -13.14 -18.35
N PRO A 292 0.38 -13.60 -18.70
CA PRO A 292 -0.77 -12.68 -18.70
C PRO A 292 -0.94 -12.01 -17.33
N GLU A 293 -0.77 -12.81 -16.28
CA GLU A 293 -0.89 -12.32 -14.91
C GLU A 293 0.11 -11.21 -14.59
N TRP A 294 1.36 -11.37 -15.03
CA TRP A 294 2.35 -10.30 -14.87
C TRP A 294 1.85 -9.03 -15.52
N LYS A 295 1.38 -9.16 -16.76
CA LYS A 295 1.06 -7.97 -17.55
C LYS A 295 -0.14 -7.28 -16.94
N ARG A 296 -1.01 -8.09 -16.32
CA ARG A 296 -2.23 -7.61 -15.68
C ARG A 296 -1.91 -6.85 -14.40
N LYS A 297 -0.85 -7.24 -13.71
CA LYS A 297 -0.44 -6.59 -12.47
C LYS A 297 1.06 -6.36 -12.47
N PRO A 298 1.51 -5.25 -13.07
CA PRO A 298 2.93 -4.91 -13.17
C PRO A 298 3.55 -4.55 -11.82
N PRO A 299 4.88 -4.67 -11.72
CA PRO A 299 5.61 -4.25 -10.51
C PRO A 299 5.50 -2.74 -10.34
N VAL A 300 5.71 -2.29 -9.11
CA VAL A 300 5.56 -0.87 -8.78
C VAL A 300 6.81 -0.44 -7.99
N THR A 301 7.32 0.76 -8.26
CA THR A 301 8.34 1.35 -7.39
C THR A 301 7.74 2.53 -6.62
N ALA A 302 7.91 2.51 -5.30
CA ALA A 302 7.54 3.66 -4.49
C ALA A 302 8.75 4.56 -4.26
N PHE A 303 8.71 5.75 -4.83
CA PHE A 303 9.75 6.75 -4.58
C PHE A 303 9.33 7.65 -3.43
N SER A 304 10.23 7.79 -2.46
CA SER A 304 9.91 8.49 -1.21
C SER A 304 10.67 9.81 -1.14
N PHE A 305 9.95 10.85 -0.75
CA PHE A 305 10.48 12.21 -0.75
C PHE A 305 10.30 12.81 0.64
N GLY A 306 11.23 13.67 1.04
CA GLY A 306 11.16 14.33 2.33
C GLY A 306 11.89 15.65 2.32
N PRO A 307 11.62 16.51 3.30
CA PRO A 307 12.24 17.85 3.35
C PRO A 307 13.76 17.74 3.45
N GLY A 308 14.48 18.56 2.68
CA GLY A 308 15.94 18.62 2.77
C GLY A 308 16.66 17.45 2.15
N ARG A 309 15.95 16.68 1.33
CA ARG A 309 16.53 15.50 0.70
C ARG A 309 16.47 15.66 -0.81
N ALA A 310 17.65 15.81 -1.43
CA ALA A 310 17.72 16.22 -2.82
C ALA A 310 17.28 15.13 -3.80
N VAL A 311 17.24 13.89 -3.34
CA VAL A 311 16.84 12.76 -4.20
C VAL A 311 15.89 11.85 -3.43
N PRO A 312 15.02 11.13 -4.16
CA PRO A 312 14.09 10.24 -3.46
C PRO A 312 14.72 8.92 -3.01
N GLY A 313 14.11 8.25 -2.04
CA GLY A 313 14.42 6.87 -1.75
C GLY A 313 13.62 6.00 -2.70
N ALA A 314 13.87 4.69 -2.70
CA ALA A 314 13.13 3.76 -3.56
C ALA A 314 12.87 2.44 -2.87
N THR A 315 11.63 1.98 -2.95
CA THR A 315 11.25 0.68 -2.41
C THR A 315 10.44 -0.09 -3.44
N LEU A 316 10.79 -1.36 -3.66
CA LEU A 316 10.19 -2.18 -4.70
C LEU A 316 8.94 -2.91 -4.22
N TYR A 317 7.83 -2.74 -4.95
CA TYR A 317 6.59 -3.48 -4.67
C TYR A 317 6.43 -4.64 -5.65
N VAL A 318 6.54 -5.87 -5.13
CA VAL A 318 6.49 -7.07 -5.95
C VAL A 318 5.11 -7.70 -5.85
N PRO A 319 4.38 -7.73 -6.99
CA PRO A 319 3.01 -8.28 -7.02
C PRO A 319 2.98 -9.76 -6.65
N MET A 320 2.04 -10.12 -5.80
CA MET A 320 1.90 -11.48 -5.34
C MET A 320 0.74 -12.18 -6.09
N ILE A 321 -0.45 -12.23 -5.48
CA ILE A 321 -1.66 -12.63 -6.21
C ILE A 321 -1.97 -11.53 -7.24
N PRO A 322 -2.22 -11.90 -8.51
CA PRO A 322 -2.39 -13.24 -9.07
C PRO A 322 -1.22 -13.73 -9.92
N VAL A 323 -0.05 -13.11 -9.77
CA VAL A 323 1.14 -13.55 -10.47
C VAL A 323 1.51 -14.96 -10.01
N HIS A 324 1.29 -15.24 -8.73
CA HIS A 324 1.40 -16.59 -8.19
C HIS A 324 0.04 -17.22 -8.03
N GLY A 325 -0.02 -18.55 -8.17
CA GLY A 325 -1.30 -19.24 -8.15
C GLY A 325 -2.00 -19.35 -6.78
N SER A 326 -1.26 -19.06 -5.71
CA SER A 326 -1.78 -19.12 -4.34
C SER A 326 -0.79 -18.52 -3.35
N ASP A 327 -1.26 -18.31 -2.13
CA ASP A 327 -0.40 -17.77 -1.06
C ASP A 327 0.73 -18.74 -0.70
N ALA A 328 0.48 -20.03 -0.83
CA ALA A 328 1.48 -21.03 -0.51
C ALA A 328 2.63 -21.00 -1.52
N ALA A 329 2.29 -20.87 -2.80
CA ALA A 329 3.30 -20.75 -3.86
C ALA A 329 4.10 -19.45 -3.74
N ALA A 330 3.39 -18.34 -3.53
CA ALA A 330 4.02 -17.06 -3.26
C ALA A 330 4.95 -17.19 -2.04
N ARG A 331 4.43 -17.74 -0.94
CA ARG A 331 5.22 -17.92 0.29
C ARG A 331 6.57 -18.62 0.07
N ASP A 332 6.57 -19.75 -0.66
CA ASP A 332 7.81 -20.50 -0.90
C ASP A 332 8.82 -19.65 -1.64
N ARG A 333 8.36 -18.90 -2.63
CA ARG A 333 9.28 -18.13 -3.46
C ARG A 333 9.79 -16.88 -2.74
N VAL A 334 8.92 -16.25 -1.94
CA VAL A 334 9.32 -15.11 -1.14
C VAL A 334 10.28 -15.56 -0.05
N ALA A 335 9.96 -16.67 0.63
CA ALA A 335 10.78 -17.19 1.72
C ALA A 335 12.19 -17.53 1.23
N ALA A 336 12.28 -18.15 0.06
CA ALA A 336 13.59 -18.44 -0.54
C ALA A 336 14.37 -17.17 -0.76
N PHE A 337 13.70 -16.14 -1.26
CA PHE A 337 14.38 -14.87 -1.53
C PHE A 337 14.88 -14.23 -0.22
N LEU A 338 14.00 -14.19 0.78
CA LEU A 338 14.35 -13.61 2.06
C LEU A 338 15.55 -14.33 2.68
N ARG A 339 15.56 -15.65 2.60
CA ARG A 339 16.71 -16.42 3.10
C ARG A 339 18.02 -16.05 2.40
N SER A 340 18.00 -15.91 1.07
CA SER A 340 19.22 -15.64 0.33
C SER A 340 19.70 -14.22 0.56
N GLU A 341 18.79 -13.36 1.04
CA GLU A 341 19.11 -12.00 1.46
C GLU A 341 19.47 -11.93 2.96
N GLY A 342 19.43 -13.08 3.64
CA GLY A 342 19.70 -13.11 5.07
C GLY A 342 18.63 -12.44 5.92
N MET A 343 17.42 -12.32 5.37
CA MET A 343 16.35 -11.66 6.09
C MET A 343 15.50 -12.72 6.81
N ASP A 344 14.50 -12.29 7.58
CA ASP A 344 13.77 -13.22 8.43
C ASP A 344 12.56 -13.83 7.74
N ALA A 345 12.76 -15.01 7.14
CA ALA A 345 11.67 -15.68 6.45
C ALA A 345 10.77 -16.40 7.44
N VAL A 346 11.32 -16.76 8.60
CA VAL A 346 10.52 -17.41 9.63
C VAL A 346 9.44 -16.46 10.13
N GLY A 347 9.80 -15.20 10.36
CA GLY A 347 8.85 -14.19 10.78
C GLY A 347 7.76 -13.96 9.75
N TYR A 348 8.16 -13.86 8.48
CA TYR A 348 7.17 -13.68 7.40
C TYR A 348 6.17 -14.82 7.38
N GLU A 349 6.67 -16.05 7.45
CA GLU A 349 5.78 -17.19 7.42
C GLU A 349 4.89 -17.28 8.67
N ALA A 350 5.44 -16.90 9.83
CA ALA A 350 4.63 -16.89 11.07
C ALA A 350 3.41 -15.96 10.93
N VAL A 351 3.65 -14.76 10.42
CA VAL A 351 2.58 -13.79 10.19
C VAL A 351 1.54 -14.35 9.22
N LEU A 352 1.99 -14.90 8.10
CA LEU A 352 1.10 -15.54 7.14
C LEU A 352 0.21 -16.62 7.76
N ASP A 353 0.82 -17.50 8.56
CA ASP A 353 0.06 -18.59 9.16
C ASP A 353 -0.94 -18.07 10.21
N ALA A 354 -0.56 -17.05 10.98
CA ALA A 354 -1.43 -16.57 12.05
C ALA A 354 -2.67 -15.86 11.50
N ILE A 355 -2.46 -15.08 10.45
CA ILE A 355 -3.48 -14.17 9.98
C ILE A 355 -4.43 -14.79 8.96
N SER A 356 -3.99 -15.86 8.29
CA SER A 356 -4.78 -16.42 7.17
C SER A 356 -5.88 -17.38 7.63
N ASP A 357 -7.04 -17.31 6.99
CA ASP A 357 -8.22 -18.07 7.41
C ASP A 357 -8.39 -19.38 6.67
N ARG A 358 -7.65 -19.56 5.58
CA ARG A 358 -7.73 -20.77 4.77
C ARG A 358 -6.33 -21.33 4.59
N SER A 359 -6.22 -22.64 4.34
CA SER A 359 -4.90 -23.21 4.12
C SER A 359 -4.31 -22.54 2.89
N LEU A 360 -3.01 -22.25 2.96
CA LEU A 360 -2.39 -21.34 2.00
C LEU A 360 -2.44 -21.77 0.52
N PRO A 361 -2.44 -23.10 0.22
CA PRO A 361 -2.61 -23.47 -1.19
C PRO A 361 -4.00 -23.11 -1.77
N GLU A 362 -4.94 -22.78 -0.89
CA GLU A 362 -6.30 -22.41 -1.32
C GLU A 362 -6.61 -20.97 -0.95
N SER A 363 -5.57 -20.22 -0.60
CA SER A 363 -5.71 -18.84 -0.14
C SER A 363 -5.10 -17.89 -1.15
N HIS A 364 -5.75 -16.75 -1.38
CA HIS A 364 -5.27 -15.80 -2.39
C HIS A 364 -5.36 -14.40 -1.82
N THR A 365 -4.59 -14.13 -0.76
CA THR A 365 -4.75 -12.85 -0.05
C THR A 365 -3.57 -11.90 -0.16
N GLN A 366 -2.40 -12.39 -0.56
CA GLN A 366 -1.24 -11.50 -0.66
C GLN A 366 -1.32 -10.58 -1.89
N ASN A 367 -1.34 -9.27 -1.63
CA ASN A 367 -1.41 -8.24 -2.64
C ASN A 367 -0.03 -7.95 -3.25
N PHE A 368 0.88 -7.42 -2.43
CA PHE A 368 2.30 -7.23 -2.77
C PHE A 368 3.16 -7.69 -1.59
N ILE A 369 4.46 -7.82 -1.84
CA ILE A 369 5.45 -7.64 -0.78
C ILE A 369 6.24 -6.42 -1.20
N SER A 370 6.84 -5.73 -0.23
CA SER A 370 7.70 -4.60 -0.59
C SER A 370 9.09 -4.94 -0.08
N TYR A 371 10.11 -4.36 -0.72
CA TYR A 371 11.49 -4.75 -0.50
C TYR A 371 12.45 -3.61 -0.79
N ARG A 372 13.40 -3.42 0.12
CA ARG A 372 14.59 -2.61 -0.15
C ARG A 372 15.75 -3.39 0.44
N GLY A 373 16.82 -3.53 -0.34
CA GLY A 373 18.01 -4.23 0.11
C GLY A 373 19.00 -3.24 0.71
N GLY A 374 20.28 -3.61 0.72
CA GLY A 374 21.30 -2.72 1.24
C GLY A 374 21.54 -2.89 2.72
N ASP A 375 22.20 -1.91 3.31
CA ASP A 375 22.65 -2.01 4.70
C ASP A 375 21.48 -1.86 5.67
N SER A 376 20.43 -1.16 5.24
CA SER A 376 19.21 -1.02 6.04
C SER A 376 17.99 -1.58 5.32
N PRO A 377 17.93 -2.91 5.18
CA PRO A 377 16.93 -3.54 4.32
C PRO A 377 15.53 -3.42 4.89
N ARG A 378 14.54 -3.59 4.03
CA ARG A 378 13.15 -3.52 4.44
C ARG A 378 12.35 -4.60 3.74
N PHE A 379 11.33 -5.10 4.43
CA PHE A 379 10.42 -6.06 3.82
C PHE A 379 9.05 -5.91 4.47
N SER A 380 8.00 -5.97 3.65
CA SER A 380 6.65 -5.86 4.15
C SER A 380 5.75 -6.80 3.38
N VAL A 381 4.67 -7.26 4.01
CA VAL A 381 3.68 -8.07 3.30
C VAL A 381 2.33 -7.38 3.47
N TYR A 382 1.54 -7.34 2.40
CA TYR A 382 0.21 -6.70 2.40
C TYR A 382 -0.88 -7.73 2.13
N LEU A 383 -1.87 -7.82 3.02
CA LEU A 383 -2.82 -8.94 2.97
C LEU A 383 -4.28 -8.56 2.99
N ALA A 384 -5.01 -9.03 1.98
CA ALA A 384 -6.46 -8.98 1.99
C ALA A 384 -6.97 -9.83 3.16
N PRO A 385 -8.12 -9.45 3.73
CA PRO A 385 -8.73 -10.28 4.78
C PRO A 385 -9.07 -11.68 4.28
N GLY A 386 -9.37 -11.82 2.99
CA GLY A 386 -9.73 -13.09 2.41
C GLY A 386 -11.17 -13.47 2.72
N VAL A 387 -12.06 -12.48 2.73
CA VAL A 387 -13.44 -12.71 3.20
C VAL A 387 -14.46 -12.68 2.05
N TYR A 388 -14.11 -12.01 0.95
CA TYR A 388 -14.92 -12.07 -0.27
C TYR A 388 -14.23 -12.89 -1.36
#